data_1QLF
#
_entry.id   1QLF
#
_cell.length_a   61.073
_cell.length_b   58.272
_cell.length_c   77.146
_cell.angle_alpha   90.00
_cell.angle_beta   108.57
_cell.angle_gamma   90.00
#
_symmetry.space_group_name_H-M   'P 1 21 1'
#
loop_
_entity.id
_entity.type
_entity.pdbx_description
1 polymer 'MHC CLASS I H-2DB HEAVY CHAIN'
2 polymer 'HUMAN BETA-2-MICROGLOBULIN'
3 polymer 'SYNTHETIC GLYCOPEPTIDE'
4 non-polymer GLYCEROL
5 non-polymer 'SULFATE ION'
6 non-polymer 2-acetamido-2-deoxy-beta-D-glucopyranose
7 water water
#
loop_
_entity_poly.entity_id
_entity_poly.type
_entity_poly.pdbx_seq_one_letter_code
_entity_poly.pdbx_strand_id
1 'polypeptide(L)'
;GPHSMRYFETAVSRPGLEEPRYISVGYVDNKEFVRFDSDAENPRYEPRAPWMEQEGPEYWERETQKAKGQEQWFRVSLRN
LLGYYNQSAGGSHTLQQMSGCDLGSDWRLLRGYLQFAYEGRDYIALNEDLKTWTAADMAAQITRRKWEQSGAAEHYKAYL
EGECVEWLHRYLKNGNATLLRTDSPKAHVTHHPRSKGEVTLRCWALGFYPADITLTWQLNGEELTQDMELVETRPAGDGT
FQKWASVVVPLGKEQNYTCRVYHEGLPEPLTLRWEP
;
A
2 'polypeptide(L)'
;IQRTPKIQVYSRHPAENGKSNFLNCYVSGFHPSDIEVDLLKNGERIEKVEHSDLSFSKDWSFYLLYYTEFTPTEKDEYAC
RVNHVTLSQPKIVKWDRDM
;
B
3 'polypeptide(L)' FAPSNYPAL C
#
# COMPACT_ATOMS: atom_id res chain seq x y z
N GLY A 1 8.44 18.12 6.38
CA GLY A 1 7.20 17.36 6.78
C GLY A 1 7.47 16.26 7.79
N PRO A 2 6.41 15.62 8.32
CA PRO A 2 6.49 14.53 9.31
C PRO A 2 7.17 13.23 8.84
N HIS A 3 7.41 12.32 9.78
CA HIS A 3 8.06 11.05 9.48
C HIS A 3 7.33 9.93 10.22
N SER A 4 7.71 8.68 9.96
CA SER A 4 7.06 7.55 10.63
C SER A 4 7.64 6.19 10.31
N MET A 5 7.36 5.26 11.20
CA MET A 5 7.79 3.88 11.03
C MET A 5 6.51 3.07 11.14
N ARG A 6 6.48 1.94 10.45
CA ARG A 6 5.32 1.09 10.52
C ARG A 6 5.68 -0.35 10.28
N TYR A 7 4.93 -1.23 10.91
CA TYR A 7 5.13 -2.64 10.69
C TYR A 7 3.76 -3.19 10.34
N PHE A 8 3.67 -3.74 9.14
CA PHE A 8 2.44 -4.31 8.66
C PHE A 8 2.58 -5.81 8.69
N GLU A 9 1.92 -6.43 9.66
CA GLU A 9 1.99 -7.87 9.82
C GLU A 9 0.70 -8.58 9.42
N THR A 10 0.85 -9.69 8.73
CA THR A 10 -0.28 -10.49 8.27
C THR A 10 -0.05 -11.95 8.56
N ALA A 11 -1.10 -12.64 8.99
CA ALA A 11 -1.02 -14.07 9.25
C ALA A 11 -2.24 -14.67 8.58
N VAL A 12 -2.02 -15.69 7.78
CA VAL A 12 -3.14 -16.31 7.11
C VAL A 12 -3.19 -17.78 7.45
N SER A 13 -4.23 -18.18 8.18
CA SER A 13 -4.36 -19.59 8.51
C SER A 13 -4.73 -20.32 7.22
N ARG A 14 -4.59 -21.64 7.22
CA ARG A 14 -4.91 -22.45 6.05
C ARG A 14 -5.17 -23.89 6.42
N PRO A 15 -6.21 -24.49 5.83
CA PRO A 15 -6.59 -25.89 6.09
C PRO A 15 -5.44 -26.90 5.95
N GLY A 16 -5.36 -27.82 6.91
CA GLY A 16 -4.34 -28.83 6.89
C GLY A 16 -3.02 -28.46 7.57
N LEU A 17 -2.34 -27.46 7.01
CA LEU A 17 -1.06 -27.00 7.55
C LEU A 17 -1.31 -26.25 8.85
N GLU A 18 -0.93 -26.87 9.96
CA GLU A 18 -1.12 -26.31 11.31
C GLU A 18 -0.35 -25.03 11.58
N GLU A 19 0.49 -24.62 10.63
CA GLU A 19 1.29 -23.41 10.75
C GLU A 19 0.77 -22.37 9.76
N PRO A 20 0.28 -21.23 10.25
CA PRO A 20 -0.24 -20.18 9.39
C PRO A 20 0.89 -19.48 8.66
N ARG A 21 0.61 -18.89 7.51
CA ARG A 21 1.65 -18.17 6.84
C ARG A 21 1.73 -16.78 7.48
N TYR A 22 2.95 -16.33 7.73
CA TYR A 22 3.20 -15.06 8.38
C TYR A 22 4.10 -14.13 7.54
N ILE A 23 3.65 -12.90 7.34
CA ILE A 23 4.45 -11.93 6.60
C ILE A 23 4.45 -10.62 7.35
N SER A 24 5.64 -10.13 7.69
CA SER A 24 5.76 -8.87 8.38
C SER A 24 6.55 -7.96 7.47
N VAL A 25 6.17 -6.68 7.41
CA VAL A 25 6.86 -5.72 6.55
C VAL A 25 6.97 -4.40 7.27
N GLY A 26 8.18 -3.89 7.40
CA GLY A 26 8.37 -2.62 8.09
C GLY A 26 8.63 -1.55 7.08
N TYR A 27 8.22 -0.33 7.41
CA TYR A 27 8.40 0.80 6.53
C TYR A 27 8.91 2.01 7.29
N VAL A 28 9.56 2.91 6.55
CA VAL A 28 10.05 4.18 7.10
C VAL A 28 9.60 5.20 6.07
N ASP A 29 8.91 6.23 6.53
CA ASP A 29 8.36 7.25 5.65
C ASP A 29 7.66 6.56 4.49
N ASN A 30 6.99 5.46 4.81
CA ASN A 30 6.24 4.68 3.86
C ASN A 30 7.05 3.90 2.84
N LYS A 31 8.32 3.67 3.16
CA LYS A 31 9.21 2.92 2.28
C LYS A 31 9.54 1.58 2.98
N GLU A 32 9.38 0.47 2.27
CA GLU A 32 9.66 -0.86 2.83
C GLU A 32 11.16 -0.96 3.08
N PHE A 33 11.56 -1.27 4.31
CA PHE A 33 12.97 -1.36 4.60
C PHE A 33 13.43 -2.70 5.14
N VAL A 34 12.49 -3.55 5.54
CA VAL A 34 12.80 -4.88 6.05
C VAL A 34 11.61 -5.78 5.78
N ARG A 35 11.83 -7.08 5.75
CA ARG A 35 10.73 -7.98 5.48
C ARG A 35 10.96 -9.41 5.94
N PHE A 36 9.90 -10.03 6.44
CA PHE A 36 9.98 -11.39 6.91
C PHE A 36 8.79 -12.20 6.37
N ASP A 37 9.12 -13.35 5.79
CA ASP A 37 8.16 -14.28 5.21
C ASP A 37 8.41 -15.66 5.84
N SER A 38 7.40 -16.24 6.46
CA SER A 38 7.55 -17.53 7.09
C SER A 38 7.68 -18.66 6.07
N ASP A 39 7.28 -18.41 4.83
CA ASP A 39 7.34 -19.43 3.80
C ASP A 39 8.68 -19.53 3.10
N ALA A 40 9.52 -18.52 3.29
CA ALA A 40 10.85 -18.52 2.68
C ALA A 40 11.58 -19.77 3.15
N GLU A 41 12.60 -20.18 2.40
CA GLU A 41 13.37 -21.36 2.77
C GLU A 41 13.99 -21.22 4.15
N ASN A 42 14.58 -20.05 4.40
CA ASN A 42 15.20 -19.73 5.69
C ASN A 42 14.64 -18.44 6.26
N PRO A 43 13.50 -18.52 6.96
CA PRO A 43 12.83 -17.36 7.56
C PRO A 43 13.78 -16.43 8.31
N ARG A 44 13.69 -15.14 8.01
CA ARG A 44 14.52 -14.13 8.67
C ARG A 44 14.23 -12.79 8.05
N TYR A 45 14.30 -11.73 8.84
CA TYR A 45 14.07 -10.40 8.27
C TYR A 45 15.18 -10.12 7.26
N GLU A 46 14.81 -9.47 6.17
CA GLU A 46 15.79 -9.17 5.13
C GLU A 46 15.78 -7.68 4.85
N PRO A 47 16.97 -7.10 4.64
CA PRO A 47 16.99 -5.67 4.35
C PRO A 47 16.33 -5.44 3.00
N ARG A 48 15.38 -4.51 2.95
CA ARG A 48 14.68 -4.19 1.72
C ARG A 48 15.06 -2.82 1.19
N ALA A 49 15.81 -2.08 1.99
CA ALA A 49 16.28 -0.77 1.60
C ALA A 49 17.80 -0.86 1.68
N PRO A 50 18.51 -0.13 0.81
CA PRO A 50 19.97 -0.16 0.82
C PRO A 50 20.65 0.28 2.12
N TRP A 51 20.07 1.25 2.81
CA TRP A 51 20.64 1.74 4.06
C TRP A 51 20.48 0.79 5.25
N MET A 52 19.89 -0.37 5.02
CA MET A 52 19.72 -1.35 6.08
C MET A 52 20.83 -2.39 6.05
N GLU A 53 21.66 -2.29 5.03
CA GLU A 53 22.78 -3.21 4.85
C GLU A 53 23.86 -3.11 5.95
N GLN A 54 24.04 -1.93 6.51
CA GLN A 54 25.04 -1.72 7.55
C GLN A 54 24.70 -2.35 8.90
N GLU A 55 23.48 -2.88 9.01
CA GLU A 55 23.06 -3.52 10.25
C GLU A 55 23.75 -4.88 10.33
N GLY A 56 24.41 -5.13 11.46
CA GLY A 56 25.14 -6.37 11.64
C GLY A 56 24.29 -7.56 12.07
N PRO A 57 24.91 -8.74 12.16
CA PRO A 57 24.29 -10.00 12.55
C PRO A 57 23.47 -9.96 13.83
N GLU A 58 23.93 -9.22 14.83
CA GLU A 58 23.17 -9.14 16.07
C GLU A 58 21.81 -8.52 15.80
N TYR A 59 21.78 -7.47 14.97
CA TYR A 59 20.55 -6.77 14.62
C TYR A 59 19.50 -7.67 13.99
N TRP A 60 19.90 -8.44 12.98
CA TRP A 60 18.97 -9.31 12.29
C TRP A 60 18.51 -10.51 13.12
N GLU A 61 19.37 -11.00 14.00
CA GLU A 61 19.00 -12.13 14.84
C GLU A 61 17.89 -11.69 15.81
N ARG A 62 18.04 -10.48 16.37
CA ARG A 62 17.05 -9.96 17.29
C ARG A 62 15.71 -9.77 16.60
N GLU A 63 15.75 -9.20 15.40
CA GLU A 63 14.55 -8.95 14.60
C GLU A 63 13.87 -10.24 14.19
N THR A 64 14.64 -11.16 13.62
CA THR A 64 14.10 -12.45 13.20
C THR A 64 13.52 -13.17 14.41
N GLN A 65 14.17 -13.04 15.55
CA GLN A 65 13.70 -13.69 16.76
C GLN A 65 12.32 -13.17 17.15
N LYS A 66 12.10 -11.88 17.00
CA LYS A 66 10.79 -11.32 17.32
C LYS A 66 9.75 -11.84 16.35
N ALA A 67 10.11 -11.93 15.07
CA ALA A 67 9.19 -12.41 14.04
C ALA A 67 8.74 -13.82 14.39
N LYS A 68 9.68 -14.64 14.86
CA LYS A 68 9.36 -16.01 15.25
C LYS A 68 8.38 -15.94 16.42
N GLY A 69 8.61 -15.01 17.33
CA GLY A 69 7.71 -14.86 18.45
C GLY A 69 6.33 -14.42 17.98
N GLN A 70 6.30 -13.53 16.99
CA GLN A 70 5.03 -13.04 16.46
C GLN A 70 4.21 -14.16 15.82
N GLU A 71 4.87 -15.03 15.07
CA GLU A 71 4.19 -16.13 14.41
C GLU A 71 3.32 -16.86 15.41
N GLN A 72 3.93 -17.27 16.52
CA GLN A 72 3.20 -17.98 17.55
C GLN A 72 2.03 -17.16 18.10
N TRP A 73 2.25 -15.87 18.33
CA TRP A 73 1.19 -15.02 18.84
C TRP A 73 0.01 -15.02 17.85
N PHE A 74 0.33 -14.84 16.57
CA PHE A 74 -0.68 -14.84 15.53
C PHE A 74 -1.33 -16.20 15.39
N ARG A 75 -0.54 -17.26 15.51
CA ARG A 75 -1.06 -18.61 15.40
C ARG A 75 -2.12 -18.83 16.47
N VAL A 76 -1.82 -18.35 17.68
CA VAL A 76 -2.72 -18.52 18.81
C VAL A 76 -3.94 -17.63 18.69
N SER A 77 -3.72 -16.37 18.39
CA SER A 77 -4.83 -15.45 18.25
C SER A 77 -5.79 -15.92 17.18
N LEU A 78 -5.26 -16.32 16.02
CA LEU A 78 -6.14 -16.80 14.94
C LEU A 78 -7.04 -17.87 15.51
N ARG A 79 -6.44 -18.79 16.25
CA ARG A 79 -7.15 -19.89 16.87
C ARG A 79 -8.27 -19.35 17.77
N ASN A 80 -7.92 -18.45 18.69
CA ASN A 80 -8.92 -17.89 19.56
C ASN A 80 -10.03 -17.14 18.81
N LEU A 81 -9.67 -16.35 17.81
CA LEU A 81 -10.64 -15.62 17.02
C LEU A 81 -11.64 -16.58 16.40
N LEU A 82 -11.13 -17.73 15.96
CA LEU A 82 -11.97 -18.75 15.33
C LEU A 82 -13.02 -19.23 16.32
N GLY A 83 -12.71 -19.12 17.60
CA GLY A 83 -13.63 -19.54 18.64
C GLY A 83 -14.57 -18.43 19.03
N TYR A 84 -14.04 -17.21 19.14
CA TYR A 84 -14.85 -16.05 19.50
C TYR A 84 -16.00 -15.86 18.50
N TYR A 85 -15.79 -16.30 17.27
CA TYR A 85 -16.79 -16.15 16.23
C TYR A 85 -17.47 -17.47 15.85
N ASN A 86 -17.24 -18.50 16.65
CA ASN A 86 -17.82 -19.81 16.41
C ASN A 86 -17.71 -20.29 14.96
N GLN A 87 -16.57 -20.02 14.33
CA GLN A 87 -16.33 -20.44 12.96
C GLN A 87 -15.82 -21.88 12.95
N SER A 88 -16.03 -22.57 11.84
CA SER A 88 -15.60 -23.96 11.74
C SER A 88 -14.19 -24.09 11.16
N ALA A 89 -13.55 -25.23 11.43
CA ALA A 89 -12.20 -25.48 10.93
C ALA A 89 -12.22 -25.87 9.45
N GLY A 90 -11.04 -26.07 8.89
CA GLY A 90 -10.93 -26.45 7.49
C GLY A 90 -11.09 -25.26 6.57
N GLY A 91 -10.79 -24.06 7.09
CA GLY A 91 -10.91 -22.86 6.29
C GLY A 91 -9.65 -22.01 6.32
N SER A 92 -9.75 -20.82 5.76
CA SER A 92 -8.62 -19.89 5.73
C SER A 92 -9.03 -18.53 6.32
N HIS A 93 -8.23 -17.99 7.25
CA HIS A 93 -8.56 -16.72 7.87
C HIS A 93 -7.38 -15.75 7.95
N THR A 94 -7.68 -14.45 7.92
CA THR A 94 -6.64 -13.43 7.96
C THR A 94 -6.70 -12.53 9.18
N LEU A 95 -5.54 -12.36 9.81
CA LEU A 95 -5.40 -11.51 10.98
C LEU A 95 -4.27 -10.54 10.66
N GLN A 96 -4.50 -9.25 10.82
CA GLN A 96 -3.47 -8.25 10.52
C GLN A 96 -3.22 -7.29 11.68
N GLN A 97 -2.03 -6.69 11.68
CA GLN A 97 -1.65 -5.72 12.69
C GLN A 97 -0.82 -4.60 12.08
N MET A 98 -1.04 -3.38 12.56
CA MET A 98 -0.30 -2.22 12.10
C MET A 98 0.28 -1.55 13.32
N SER A 99 1.59 -1.34 13.33
CA SER A 99 2.22 -0.69 14.48
C SER A 99 3.14 0.39 13.99
N GLY A 100 3.42 1.35 14.84
CA GLY A 100 4.33 2.39 14.44
C GLY A 100 4.21 3.66 15.23
N CYS A 101 4.92 4.67 14.74
CA CYS A 101 4.92 5.96 15.40
C CYS A 101 5.11 7.06 14.35
N ASP A 102 4.46 8.19 14.58
CA ASP A 102 4.58 9.32 13.67
C ASP A 102 5.44 10.38 14.36
N LEU A 103 6.30 11.02 13.61
CA LEU A 103 7.14 12.05 14.17
C LEU A 103 6.91 13.32 13.36
N GLY A 104 6.97 14.47 14.03
CA GLY A 104 6.80 15.72 13.33
C GLY A 104 8.12 16.00 12.66
N SER A 105 8.17 17.07 11.88
CA SER A 105 9.39 17.44 11.18
C SER A 105 10.52 17.63 12.17
N ASP A 106 10.17 17.83 13.44
CA ASP A 106 11.16 18.02 14.50
C ASP A 106 11.63 16.70 15.10
N TRP A 107 11.22 15.61 14.45
CA TRP A 107 11.59 14.25 14.88
C TRP A 107 11.02 13.86 16.24
N ARG A 108 9.97 14.56 16.67
CA ARG A 108 9.33 14.27 17.96
C ARG A 108 8.03 13.51 17.73
N LEU A 109 7.63 12.74 18.72
CA LEU A 109 6.42 11.93 18.60
C LEU A 109 5.14 12.70 18.39
N LEU A 110 4.31 12.20 17.48
CA LEU A 110 3.02 12.81 17.20
C LEU A 110 1.95 11.81 17.59
N ARG A 111 2.12 10.59 17.11
CA ARG A 111 1.17 9.54 17.40
C ARG A 111 1.78 8.17 17.57
N GLY A 112 1.10 7.35 18.36
CA GLY A 112 1.52 5.99 18.56
C GLY A 112 0.41 5.24 17.85
N TYR A 113 0.73 4.15 17.18
CA TYR A 113 -0.30 3.42 16.47
C TYR A 113 -0.20 1.94 16.75
N LEU A 114 -1.35 1.32 16.89
CA LEU A 114 -1.41 -0.10 17.13
C LEU A 114 -2.83 -0.59 17.00
N GLN A 115 -3.11 -1.31 15.92
CA GLN A 115 -4.45 -1.84 15.73
C GLN A 115 -4.42 -3.16 15.00
N PHE A 116 -5.50 -3.91 15.10
CA PHE A 116 -5.60 -5.21 14.47
C PHE A 116 -6.85 -5.36 13.64
N ALA A 117 -6.81 -6.30 12.71
CA ALA A 117 -7.94 -6.58 11.84
C ALA A 117 -8.06 -8.08 11.62
N TYR A 118 -9.30 -8.55 11.54
CA TYR A 118 -9.56 -9.96 11.32
C TYR A 118 -10.55 -10.04 10.15
N GLU A 119 -10.22 -10.88 9.17
CA GLU A 119 -11.06 -11.03 7.99
C GLU A 119 -11.15 -9.68 7.26
N GLY A 120 -10.14 -8.83 7.46
CA GLY A 120 -10.13 -7.54 6.80
C GLY A 120 -10.93 -6.45 7.47
N ARG A 121 -11.45 -6.71 8.66
CA ARG A 121 -12.22 -5.68 9.36
C ARG A 121 -11.58 -5.32 10.67
N ASP A 122 -11.73 -4.06 11.09
CA ASP A 122 -11.16 -3.61 12.36
C ASP A 122 -11.63 -4.57 13.44
N TYR A 123 -10.72 -4.91 14.34
CA TYR A 123 -11.06 -5.79 15.45
C TYR A 123 -10.87 -4.93 16.69
N ILE A 124 -9.61 -4.67 17.04
CA ILE A 124 -9.32 -3.84 18.19
C ILE A 124 -8.13 -2.94 17.86
N ALA A 125 -8.20 -1.69 18.31
CA ALA A 125 -7.14 -0.72 18.07
C ALA A 125 -6.82 0.06 19.35
N LEU A 126 -5.54 0.34 19.57
CA LEU A 126 -5.14 1.09 20.74
C LEU A 126 -5.49 2.54 20.48
N ASN A 127 -6.20 3.18 21.40
CA ASN A 127 -6.58 4.57 21.22
C ASN A 127 -5.36 5.45 21.23
N GLU A 128 -5.51 6.68 20.78
CA GLU A 128 -4.40 7.59 20.73
C GLU A 128 -3.79 7.89 22.10
N ASP A 129 -4.58 7.77 23.16
CA ASP A 129 -4.02 8.04 24.48
C ASP A 129 -3.01 6.96 24.86
N LEU A 130 -2.95 5.90 24.07
CA LEU A 130 -2.01 4.80 24.31
C LEU A 130 -2.23 4.21 25.68
N LYS A 131 -3.48 4.30 26.16
CA LYS A 131 -3.84 3.76 27.47
C LYS A 131 -5.12 2.95 27.43
N THR A 132 -5.99 3.23 26.47
CA THR A 132 -7.25 2.51 26.33
C THR A 132 -7.46 1.92 24.94
N TRP A 133 -8.49 1.09 24.80
CA TRP A 133 -8.76 0.48 23.50
C TRP A 133 -10.17 0.70 22.97
N THR A 134 -10.34 0.36 21.70
CA THR A 134 -11.62 0.47 21.03
C THR A 134 -11.88 -0.90 20.41
N ALA A 135 -12.95 -1.55 20.84
CA ALA A 135 -13.28 -2.87 20.31
C ALA A 135 -14.38 -2.72 19.27
N ALA A 136 -14.00 -2.87 18.01
CA ALA A 136 -14.91 -2.73 16.88
C ALA A 136 -16.20 -3.56 16.96
N ASP A 137 -16.19 -4.65 17.72
CA ASP A 137 -17.39 -5.46 17.85
C ASP A 137 -17.42 -6.31 19.10
N MET A 138 -18.54 -7.02 19.28
CA MET A 138 -18.78 -7.87 20.43
C MET A 138 -17.61 -8.78 20.80
N ALA A 139 -17.12 -9.56 19.86
CA ALA A 139 -16.01 -10.47 20.14
C ALA A 139 -14.79 -9.70 20.68
N ALA A 140 -14.49 -8.56 20.08
CA ALA A 140 -13.36 -7.75 20.50
C ALA A 140 -13.54 -7.26 21.94
N GLN A 141 -14.78 -7.27 22.42
CA GLN A 141 -15.06 -6.81 23.76
C GLN A 141 -14.36 -7.75 24.73
N ILE A 142 -14.43 -9.03 24.41
CA ILE A 142 -13.80 -10.05 25.24
C ILE A 142 -12.31 -9.73 25.31
N THR A 143 -11.75 -9.35 24.16
CA THR A 143 -10.33 -9.03 24.08
C THR A 143 -9.98 -7.72 24.77
N ARG A 144 -10.87 -6.74 24.70
CA ARG A 144 -10.58 -5.47 25.36
C ARG A 144 -10.40 -5.70 26.84
N ARG A 145 -11.33 -6.46 27.42
CA ARG A 145 -11.28 -6.77 28.84
C ARG A 145 -10.00 -7.51 29.20
N LYS A 146 -9.72 -8.62 28.53
CA LYS A 146 -8.50 -9.37 28.81
C LYS A 146 -7.30 -8.44 28.87
N TRP A 147 -7.19 -7.55 27.88
CA TRP A 147 -6.07 -6.62 27.80
C TRP A 147 -6.10 -5.49 28.83
N GLU A 148 -7.31 -5.07 29.21
CA GLU A 148 -7.44 -4.02 30.23
C GLU A 148 -6.99 -4.63 31.56
N GLN A 149 -7.33 -5.89 31.73
CA GLN A 149 -7.01 -6.65 32.93
C GLN A 149 -5.52 -6.93 33.01
N SER A 150 -4.90 -7.25 31.87
CA SER A 150 -3.48 -7.56 31.83
C SER A 150 -2.60 -6.32 31.78
N GLY A 151 -3.15 -5.21 31.28
CA GLY A 151 -2.37 -3.98 31.17
C GLY A 151 -1.43 -3.98 29.99
N ALA A 152 -1.81 -4.68 28.92
CA ALA A 152 -0.99 -4.77 27.71
C ALA A 152 -0.59 -3.39 27.19
N ALA A 153 -1.57 -2.49 27.15
CA ALA A 153 -1.36 -1.13 26.69
C ALA A 153 -0.07 -0.49 27.19
N GLU A 154 0.25 -0.68 28.46
CA GLU A 154 1.45 -0.09 29.02
C GLU A 154 2.71 -0.57 28.31
N HIS A 155 2.68 -1.81 27.86
CA HIS A 155 3.82 -2.38 27.17
C HIS A 155 4.00 -1.77 25.78
N TYR A 156 2.90 -1.66 25.06
CA TYR A 156 2.91 -1.08 23.71
C TYR A 156 3.25 0.41 23.73
N LYS A 157 2.66 1.15 24.66
CA LYS A 157 2.91 2.57 24.79
C LYS A 157 4.41 2.75 25.02
N ALA A 158 5.00 1.81 25.75
CA ALA A 158 6.43 1.87 26.04
C ALA A 158 7.18 1.72 24.71
N TYR A 159 6.85 0.69 23.95
CA TYR A 159 7.49 0.46 22.66
C TYR A 159 7.23 1.63 21.71
N LEU A 160 5.96 2.00 21.57
CA LEU A 160 5.59 3.07 20.67
C LEU A 160 6.27 4.39 20.97
N GLU A 161 6.31 4.78 22.23
CA GLU A 161 6.91 6.04 22.61
C GLU A 161 8.43 6.01 22.75
N GLY A 162 8.98 4.84 23.05
CA GLY A 162 10.42 4.75 23.21
C GLY A 162 11.20 4.11 22.07
N GLU A 163 11.29 2.79 22.09
CA GLU A 163 12.00 2.05 21.06
C GLU A 163 11.57 2.41 19.64
N CYS A 164 10.28 2.62 19.42
CA CYS A 164 9.78 2.99 18.10
C CYS A 164 10.41 4.29 17.63
N VAL A 165 10.35 5.31 18.48
CA VAL A 165 10.90 6.62 18.15
C VAL A 165 12.42 6.59 17.97
N GLU A 166 13.10 5.99 18.95
CA GLU A 166 14.55 5.91 18.92
C GLU A 166 15.04 5.25 17.64
N TRP A 167 14.51 4.07 17.34
CA TRP A 167 14.95 3.37 16.14
C TRP A 167 14.56 4.07 14.86
N LEU A 168 13.49 4.84 14.91
CA LEU A 168 13.06 5.56 13.73
C LEU A 168 14.04 6.70 13.48
N HIS A 169 14.55 7.27 14.56
CA HIS A 169 15.51 8.35 14.44
C HIS A 169 16.69 7.85 13.62
N ARG A 170 17.23 6.70 14.03
CA ARG A 170 18.37 6.09 13.38
C ARG A 170 18.15 5.82 11.89
N TYR A 171 17.08 5.10 11.56
CA TYR A 171 16.79 4.78 10.18
C TYR A 171 16.74 6.05 9.34
N LEU A 172 16.27 7.14 9.92
CA LEU A 172 16.19 8.40 9.21
C LEU A 172 17.60 8.95 9.00
N LYS A 173 18.45 8.80 10.01
CA LYS A 173 19.83 9.27 9.91
C LYS A 173 20.63 8.44 8.90
N ASN A 174 20.35 7.13 8.85
CA ASN A 174 21.06 6.21 7.94
C ASN A 174 20.59 6.27 6.51
N GLY A 175 19.29 6.39 6.30
CA GLY A 175 18.76 6.45 4.95
C GLY A 175 18.53 7.88 4.50
N ASN A 176 19.21 8.81 5.18
CA ASN A 176 19.11 10.24 4.89
C ASN A 176 19.03 10.52 3.39
N ALA A 177 20.12 10.24 2.69
CA ALA A 177 20.22 10.46 1.24
C ALA A 177 19.02 10.02 0.41
N THR A 178 18.43 8.89 0.78
CA THR A 178 17.30 8.34 0.03
C THR A 178 15.90 8.72 0.54
N LEU A 179 15.69 8.55 1.84
CA LEU A 179 14.39 8.82 2.46
C LEU A 179 13.91 10.26 2.43
N LEU A 180 14.83 11.21 2.61
CA LEU A 180 14.49 12.62 2.66
C LEU A 180 14.53 13.38 1.35
N ARG A 181 14.56 12.67 0.23
CA ARG A 181 14.61 13.33 -1.06
C ARG A 181 13.19 13.61 -1.54
N THR A 182 13.04 14.52 -2.50
CA THR A 182 11.72 14.80 -3.05
C THR A 182 11.86 14.94 -4.55
N ASP A 183 10.98 14.25 -5.27
CA ASP A 183 10.93 14.27 -6.72
C ASP A 183 9.60 14.93 -7.11
N SER A 184 9.68 16.10 -7.74
CA SER A 184 8.51 16.85 -8.14
C SER A 184 7.77 16.18 -9.27
N PRO A 185 6.46 16.45 -9.38
CA PRO A 185 5.58 15.90 -10.40
C PRO A 185 5.84 16.51 -11.78
N LYS A 186 5.60 15.72 -12.82
CA LYS A 186 5.74 16.18 -14.19
C LYS A 186 4.32 16.04 -14.73
N ALA A 187 3.70 17.17 -15.06
CA ALA A 187 2.33 17.14 -15.54
C ALA A 187 2.07 17.38 -17.02
N HIS A 188 0.92 16.89 -17.45
CA HIS A 188 0.44 17.07 -18.80
C HIS A 188 -1.02 16.68 -18.80
N VAL A 189 -1.77 17.18 -19.78
CA VAL A 189 -3.19 16.91 -19.88
C VAL A 189 -3.52 16.14 -21.17
N THR A 190 -4.45 15.19 -21.09
CA THR A 190 -4.85 14.43 -22.26
C THR A 190 -6.31 14.76 -22.57
N HIS A 191 -6.73 14.47 -23.80
CA HIS A 191 -8.09 14.77 -24.25
C HIS A 191 -8.72 13.53 -24.89
N HIS A 192 -9.97 13.27 -24.53
CA HIS A 192 -10.71 12.13 -25.08
C HIS A 192 -12.21 12.42 -25.11
N PRO A 193 -12.88 12.10 -26.22
CA PRO A 193 -14.32 12.35 -26.32
C PRO A 193 -15.02 11.41 -25.33
N ARG A 194 -16.18 11.83 -24.82
CA ARG A 194 -16.89 10.98 -23.87
C ARG A 194 -18.32 10.65 -24.32
N SER A 195 -19.04 11.67 -24.76
CA SER A 195 -20.41 11.50 -25.22
C SER A 195 -20.71 12.61 -26.22
N LYS A 196 -21.98 12.82 -26.50
CA LYS A 196 -22.36 13.88 -27.45
C LYS A 196 -22.11 15.23 -26.82
N GLY A 197 -21.23 16.02 -27.46
CA GLY A 197 -20.91 17.34 -26.96
C GLY A 197 -20.17 17.31 -25.63
N GLU A 198 -19.71 16.12 -25.26
CA GLU A 198 -18.97 15.91 -24.01
C GLU A 198 -17.50 15.64 -24.28
N VAL A 199 -16.65 15.90 -23.29
CA VAL A 199 -15.22 15.68 -23.42
C VAL A 199 -14.57 15.33 -22.08
N THR A 200 -13.59 14.43 -22.13
CA THR A 200 -12.87 14.03 -20.93
C THR A 200 -11.43 14.54 -20.93
N LEU A 201 -11.08 15.35 -19.93
CA LEU A 201 -9.73 15.89 -19.79
C LEU A 201 -9.07 15.15 -18.63
N ARG A 202 -7.82 14.77 -18.81
CA ARG A 202 -7.11 14.03 -17.76
C ARG A 202 -5.79 14.70 -17.36
N CYS A 203 -5.73 15.15 -16.11
CA CYS A 203 -4.53 15.81 -15.55
C CYS A 203 -3.62 14.71 -15.02
N TRP A 204 -2.44 14.58 -15.61
CA TRP A 204 -1.48 13.56 -15.23
C TRP A 204 -0.34 14.11 -14.39
N ALA A 205 0.13 13.31 -13.44
CA ALA A 205 1.28 13.67 -12.60
C ALA A 205 2.18 12.42 -12.55
N LEU A 206 3.38 12.56 -13.10
CA LEU A 206 4.31 11.43 -13.15
C LEU A 206 5.67 11.68 -12.51
N GLY A 207 6.30 10.58 -12.06
CA GLY A 207 7.61 10.63 -11.44
C GLY A 207 7.78 11.43 -10.17
N PHE A 208 6.84 11.40 -9.24
CA PHE A 208 7.00 12.16 -7.99
C PHE A 208 7.17 11.30 -6.75
N TYR A 209 7.85 11.88 -5.75
CA TYR A 209 8.09 11.25 -4.45
C TYR A 209 8.17 12.39 -3.44
N PRO A 210 7.51 12.25 -2.29
CA PRO A 210 6.67 11.16 -1.81
C PRO A 210 5.38 11.01 -2.61
N ALA A 211 4.61 9.97 -2.27
CA ALA A 211 3.35 9.67 -2.94
C ALA A 211 2.21 10.64 -2.65
N ASP A 212 2.29 11.38 -1.55
CA ASP A 212 1.21 12.31 -1.24
C ASP A 212 1.21 13.43 -2.27
N ILE A 213 0.03 13.73 -2.79
CA ILE A 213 -0.10 14.74 -3.82
C ILE A 213 -1.55 15.16 -3.92
N THR A 214 -1.77 16.35 -4.46
CA THR A 214 -3.12 16.85 -4.66
C THR A 214 -3.28 17.33 -6.10
N LEU A 215 -4.36 16.87 -6.74
CA LEU A 215 -4.68 17.22 -8.12
C LEU A 215 -6.07 17.81 -8.16
N THR A 216 -6.20 19.00 -8.72
CA THR A 216 -7.53 19.62 -8.80
C THR A 216 -7.83 20.17 -10.16
N TRP A 217 -9.12 20.17 -10.49
CA TRP A 217 -9.58 20.72 -11.74
C TRP A 217 -10.46 21.88 -11.35
N GLN A 218 -10.42 22.95 -12.13
CA GLN A 218 -11.26 24.10 -11.83
C GLN A 218 -11.71 24.87 -13.05
N LEU A 219 -12.92 25.40 -13.00
CA LEU A 219 -13.52 26.17 -14.08
C LEU A 219 -13.47 27.65 -13.76
N ASN A 220 -12.50 28.38 -14.31
CA ASN A 220 -12.43 29.82 -14.03
C ASN A 220 -12.38 30.19 -12.57
N GLY A 221 -11.45 29.62 -11.81
CA GLY A 221 -11.39 29.98 -10.39
C GLY A 221 -12.13 29.12 -9.38
N GLU A 222 -13.24 28.47 -9.75
CA GLU A 222 -13.97 27.64 -8.78
C GLU A 222 -13.45 26.23 -8.91
N GLU A 223 -13.45 25.50 -7.82
CA GLU A 223 -12.99 24.12 -7.88
C GLU A 223 -14.08 23.19 -8.25
N LEU A 224 -13.75 22.16 -9.01
CA LEU A 224 -14.74 21.20 -9.49
C LEU A 224 -14.86 19.88 -8.68
N THR A 225 -16.08 19.51 -8.37
CA THR A 225 -16.33 18.27 -7.61
C THR A 225 -17.14 17.22 -8.39
N GLN A 226 -18.11 17.67 -9.19
CA GLN A 226 -18.93 16.74 -9.96
C GLN A 226 -18.25 16.31 -11.26
N ASP A 227 -18.55 15.09 -11.72
CA ASP A 227 -17.97 14.53 -12.94
C ASP A 227 -16.45 14.60 -12.94
N MET A 228 -15.87 14.51 -11.75
CA MET A 228 -14.42 14.58 -11.62
C MET A 228 -13.90 13.30 -10.98
N GLU A 229 -13.22 12.47 -11.77
CA GLU A 229 -12.68 11.22 -11.25
C GLU A 229 -11.19 11.26 -10.90
N LEU A 230 -10.88 10.89 -9.66
CA LEU A 230 -9.50 10.85 -9.19
C LEU A 230 -9.10 9.37 -9.05
N VAL A 231 -8.15 8.92 -9.86
CA VAL A 231 -7.72 7.53 -9.79
C VAL A 231 -6.76 7.36 -8.60
N GLU A 232 -6.54 6.12 -8.18
CA GLU A 232 -5.68 5.80 -7.05
C GLU A 232 -4.19 5.96 -7.35
N THR A 233 -3.47 6.64 -6.46
CA THR A 233 -2.05 6.84 -6.67
C THR A 233 -1.37 5.50 -6.81
N ARG A 234 -0.61 5.34 -7.89
CA ARG A 234 0.04 4.07 -8.18
C ARG A 234 1.56 4.16 -8.30
N PRO A 235 2.26 3.05 -8.02
CA PRO A 235 3.72 3.06 -8.12
C PRO A 235 4.16 2.95 -9.57
N ALA A 236 5.23 3.67 -9.92
CA ALA A 236 5.72 3.61 -11.29
C ALA A 236 6.60 2.38 -11.45
N GLY A 237 7.32 2.03 -10.38
CA GLY A 237 8.20 0.88 -10.43
C GLY A 237 9.66 1.24 -10.18
N ASP A 238 9.94 2.54 -10.19
CA ASP A 238 11.30 3.03 -9.99
C ASP A 238 11.38 3.85 -8.70
N GLY A 239 10.34 3.75 -7.88
CA GLY A 239 10.38 4.48 -6.62
C GLY A 239 9.62 5.80 -6.63
N THR A 240 9.06 6.16 -7.78
CA THR A 240 8.28 7.38 -7.90
C THR A 240 6.83 6.95 -8.14
N PHE A 241 5.91 7.89 -8.06
CA PHE A 241 4.51 7.54 -8.24
C PHE A 241 3.81 8.31 -9.35
N GLN A 242 2.58 7.92 -9.63
CA GLN A 242 1.78 8.56 -10.67
C GLN A 242 0.33 8.63 -10.21
N LYS A 243 -0.39 9.58 -10.77
CA LYS A 243 -1.80 9.77 -10.44
C LYS A 243 -2.36 10.70 -11.49
N TRP A 244 -3.68 10.67 -11.66
CA TRP A 244 -4.33 11.56 -12.60
C TRP A 244 -5.75 11.85 -12.17
N ALA A 245 -6.29 12.98 -12.64
CA ALA A 245 -7.64 13.38 -12.31
C ALA A 245 -8.36 13.76 -13.59
N SER A 246 -9.51 13.14 -13.82
CA SER A 246 -10.30 13.40 -15.03
C SER A 246 -11.59 14.17 -14.76
N VAL A 247 -11.99 14.98 -15.73
CA VAL A 247 -13.21 15.77 -15.60
C VAL A 247 -13.94 15.86 -16.95
N VAL A 248 -15.26 15.70 -16.92
CA VAL A 248 -16.07 15.77 -18.14
C VAL A 248 -16.41 17.22 -18.44
N VAL A 249 -16.03 17.66 -19.63
CA VAL A 249 -16.24 19.03 -20.07
C VAL A 249 -17.05 19.11 -21.36
N PRO A 250 -17.88 20.15 -21.52
CA PRO A 250 -18.70 20.30 -22.73
C PRO A 250 -17.78 20.60 -23.90
N LEU A 251 -17.91 19.80 -24.96
CA LEU A 251 -17.09 19.95 -26.14
C LEU A 251 -17.00 21.40 -26.59
N GLY A 252 -15.77 21.85 -26.88
CA GLY A 252 -15.58 23.22 -27.32
C GLY A 252 -15.03 24.16 -26.28
N LYS A 253 -15.61 24.15 -25.08
CA LYS A 253 -15.13 25.04 -24.02
C LYS A 253 -14.11 24.38 -23.10
N GLU A 254 -13.06 23.80 -23.69
CA GLU A 254 -12.04 23.12 -22.90
C GLU A 254 -10.97 24.01 -22.28
N GLN A 255 -10.51 25.03 -23.00
CA GLN A 255 -9.46 25.89 -22.47
C GLN A 255 -9.91 26.63 -21.22
N ASN A 256 -11.20 26.56 -20.91
CA ASN A 256 -11.77 27.21 -19.74
C ASN A 256 -11.51 26.40 -18.46
N TYR A 257 -10.99 25.19 -18.62
CA TYR A 257 -10.69 24.34 -17.47
C TYR A 257 -9.19 24.26 -17.23
N THR A 258 -8.82 24.35 -15.96
CA THR A 258 -7.41 24.30 -15.60
C THR A 258 -7.19 23.40 -14.39
N CYS A 259 -6.06 22.71 -14.32
CA CYS A 259 -5.79 21.88 -13.17
C CYS A 259 -4.50 22.26 -12.53
N ARG A 260 -4.40 21.97 -11.24
CA ARG A 260 -3.22 22.28 -10.48
C ARG A 260 -2.73 21.04 -9.77
N VAL A 261 -1.41 20.93 -9.67
CA VAL A 261 -0.80 19.80 -9.02
C VAL A 261 -0.06 20.32 -7.81
N TYR A 262 -0.39 19.80 -6.64
CA TYR A 262 0.26 20.21 -5.39
C TYR A 262 1.11 19.07 -4.86
N HIS A 263 2.33 19.37 -4.46
CA HIS A 263 3.22 18.34 -3.96
C HIS A 263 4.31 19.09 -3.21
N GLU A 264 4.78 18.51 -2.11
CA GLU A 264 5.81 19.14 -1.28
C GLU A 264 7.12 19.37 -1.99
N GLY A 265 7.32 18.74 -3.14
CA GLY A 265 8.57 18.95 -3.85
C GLY A 265 8.46 20.12 -4.82
N LEU A 266 7.33 20.81 -4.79
CA LEU A 266 7.08 21.92 -5.69
C LEU A 266 7.06 23.34 -5.12
N PRO A 267 8.02 24.18 -5.55
CA PRO A 267 8.13 25.57 -5.09
C PRO A 267 6.73 26.17 -5.11
N GLU A 268 6.10 26.09 -6.28
CA GLU A 268 4.73 26.57 -6.48
C GLU A 268 3.97 25.52 -7.29
N PRO A 269 2.64 25.43 -7.08
CA PRO A 269 1.77 24.48 -7.77
C PRO A 269 1.85 24.57 -9.29
N LEU A 270 1.79 23.42 -9.96
CA LEU A 270 1.83 23.40 -11.41
C LEU A 270 0.43 23.77 -11.84
N THR A 271 0.34 24.54 -12.93
CA THR A 271 -0.95 24.96 -13.47
C THR A 271 -0.93 24.68 -14.97
N LEU A 272 -1.91 23.96 -15.47
CA LEU A 272 -1.93 23.63 -16.89
C LEU A 272 -3.32 23.38 -17.45
N ARG A 273 -3.42 23.43 -18.78
CA ARG A 273 -4.68 23.20 -19.48
C ARG A 273 -4.42 22.21 -20.59
N TRP A 274 -5.46 21.90 -21.35
CA TRP A 274 -5.31 21.00 -22.48
C TRP A 274 -4.94 21.87 -23.66
N GLU A 275 -3.66 21.91 -23.99
CA GLU A 275 -3.18 22.70 -25.11
C GLU A 275 -3.11 21.87 -26.39
N PRO A 276 -4.02 22.14 -27.34
CA PRO A 276 -4.11 21.46 -28.64
C PRO A 276 -2.84 21.61 -29.49
N ILE B 1 -14.44 -10.49 5.28
CA ILE B 1 -14.83 -9.49 4.24
C ILE B 1 -14.24 -9.94 2.89
N GLN B 2 -14.73 -9.35 1.82
CA GLN B 2 -14.24 -9.65 0.48
C GLN B 2 -14.27 -8.36 -0.32
N ARG B 3 -13.10 -7.89 -0.73
CA ARG B 3 -13.01 -6.67 -1.51
C ARG B 3 -12.45 -7.01 -2.88
N THR B 4 -13.22 -6.70 -3.92
CA THR B 4 -12.81 -6.95 -5.31
C THR B 4 -11.57 -6.11 -5.63
N PRO B 5 -10.64 -6.68 -6.40
CA PRO B 5 -9.43 -5.95 -6.75
C PRO B 5 -9.57 -4.79 -7.72
N LYS B 6 -8.79 -3.76 -7.46
CA LYS B 6 -8.73 -2.56 -8.30
C LYS B 6 -7.52 -2.87 -9.18
N ILE B 7 -7.64 -2.64 -10.48
CA ILE B 7 -6.56 -2.96 -11.41
C ILE B 7 -6.15 -1.80 -12.32
N GLN B 8 -4.86 -1.61 -12.50
CA GLN B 8 -4.39 -0.55 -13.40
C GLN B 8 -3.24 -1.07 -14.22
N VAL B 9 -3.37 -0.98 -15.54
CA VAL B 9 -2.33 -1.42 -16.46
C VAL B 9 -1.70 -0.17 -17.05
N TYR B 10 -0.38 -0.07 -16.98
CA TYR B 10 0.30 1.12 -17.48
C TYR B 10 1.78 0.87 -17.65
N SER B 11 2.43 1.74 -18.41
CA SER B 11 3.87 1.61 -18.62
C SER B 11 4.58 2.52 -17.63
N ARG B 12 5.73 2.07 -17.14
CA ARG B 12 6.50 2.87 -16.20
C ARG B 12 6.66 4.28 -16.72
N HIS B 13 7.26 4.40 -17.90
CA HIS B 13 7.49 5.70 -18.52
C HIS B 13 6.46 5.89 -19.61
N PRO B 14 6.31 7.12 -20.12
CA PRO B 14 5.31 7.23 -21.17
C PRO B 14 5.81 6.37 -22.33
N ALA B 15 4.91 5.59 -22.93
CA ALA B 15 5.29 4.68 -24.02
C ALA B 15 5.95 5.36 -25.22
N GLU B 16 6.83 4.61 -25.87
CA GLU B 16 7.54 5.10 -27.04
C GLU B 16 7.98 3.90 -27.88
N ASN B 17 7.26 3.65 -28.97
CA ASN B 17 7.55 2.54 -29.85
C ASN B 17 9.04 2.38 -30.13
N GLY B 18 9.56 1.20 -29.80
CA GLY B 18 10.97 0.92 -30.01
C GLY B 18 11.85 1.31 -28.85
N LYS B 19 11.29 2.01 -27.86
CA LYS B 19 12.06 2.41 -26.70
C LYS B 19 11.72 1.51 -25.51
N SER B 20 12.74 0.88 -24.95
CA SER B 20 12.55 -0.03 -23.83
C SER B 20 11.81 0.65 -22.66
N ASN B 21 10.82 -0.06 -22.13
CA ASN B 21 10.01 0.46 -21.05
C ASN B 21 9.70 -0.69 -20.12
N PHE B 22 8.73 -0.45 -19.25
CA PHE B 22 8.28 -1.43 -18.28
C PHE B 22 6.76 -1.42 -18.28
N LEU B 23 6.18 -2.61 -18.28
CA LEU B 23 4.74 -2.77 -18.27
C LEU B 23 4.28 -3.17 -16.87
N ASN B 24 3.51 -2.30 -16.23
CA ASN B 24 3.02 -2.57 -14.90
C ASN B 24 1.54 -2.88 -14.87
N CYS B 25 1.16 -3.59 -13.81
CA CYS B 25 -0.22 -3.89 -13.53
C CYS B 25 -0.24 -3.80 -12.02
N TYR B 26 -0.90 -2.78 -11.51
CA TYR B 26 -1.00 -2.57 -10.07
C TYR B 26 -2.36 -3.08 -9.65
N VAL B 27 -2.37 -4.18 -8.93
CA VAL B 27 -3.61 -4.77 -8.44
C VAL B 27 -3.75 -4.41 -6.96
N SER B 28 -4.77 -3.62 -6.61
CA SER B 28 -4.93 -3.23 -5.22
C SER B 28 -6.35 -3.30 -4.67
N GLY B 29 -6.50 -2.89 -3.41
CA GLY B 29 -7.80 -2.89 -2.74
C GLY B 29 -8.47 -4.23 -2.52
N PHE B 30 -7.74 -5.34 -2.67
CA PHE B 30 -8.39 -6.64 -2.49
C PHE B 30 -8.23 -7.32 -1.13
N HIS B 31 -9.11 -8.29 -0.86
CA HIS B 31 -9.12 -9.06 0.39
C HIS B 31 -10.11 -10.21 0.17
N PRO B 32 -9.74 -11.45 0.51
CA PRO B 32 -8.47 -11.90 1.10
C PRO B 32 -7.29 -11.72 0.14
N SER B 33 -6.11 -12.16 0.58
CA SER B 33 -4.89 -12.02 -0.21
C SER B 33 -4.69 -12.96 -1.40
N ASP B 34 -5.39 -14.09 -1.43
CA ASP B 34 -5.23 -15.00 -2.56
C ASP B 34 -5.66 -14.30 -3.85
N ILE B 35 -4.72 -14.12 -4.75
CA ILE B 35 -5.03 -13.44 -6.00
C ILE B 35 -4.14 -13.98 -7.10
N GLU B 36 -4.67 -14.03 -8.32
CA GLU B 36 -3.93 -14.53 -9.48
C GLU B 36 -3.84 -13.40 -10.50
N VAL B 37 -2.61 -13.10 -10.95
CA VAL B 37 -2.39 -12.02 -11.91
C VAL B 37 -1.42 -12.37 -13.03
N ASP B 38 -1.80 -12.08 -14.26
CA ASP B 38 -0.95 -12.34 -15.41
C ASP B 38 -0.93 -11.13 -16.32
N LEU B 39 0.18 -10.94 -17.03
CA LEU B 39 0.31 -9.86 -18.01
C LEU B 39 0.18 -10.58 -19.34
N LEU B 40 -0.52 -10.00 -20.29
CA LEU B 40 -0.69 -10.67 -21.58
C LEU B 40 -0.13 -9.86 -22.73
N LYS B 41 0.40 -10.57 -23.72
CA LYS B 41 0.94 -9.96 -24.92
C LYS B 41 0.14 -10.61 -26.04
N ASN B 42 -0.62 -9.77 -26.76
CA ASN B 42 -1.45 -10.26 -27.84
C ASN B 42 -2.33 -11.41 -27.34
N GLY B 43 -2.80 -11.29 -26.11
CA GLY B 43 -3.67 -12.30 -25.55
C GLY B 43 -3.03 -13.54 -24.95
N GLU B 44 -1.70 -13.61 -24.94
CA GLU B 44 -1.04 -14.77 -24.36
C GLU B 44 -0.27 -14.41 -23.09
N ARG B 45 -0.33 -15.28 -22.10
CA ARG B 45 0.35 -15.05 -20.83
C ARG B 45 1.86 -14.93 -20.98
N ILE B 46 2.42 -13.89 -20.40
CA ILE B 46 3.87 -13.67 -20.45
C ILE B 46 4.51 -14.46 -19.31
N GLU B 47 5.55 -15.22 -19.64
CA GLU B 47 6.27 -16.08 -18.68
C GLU B 47 7.13 -15.37 -17.65
N LYS B 48 8.02 -14.51 -18.14
CA LYS B 48 8.96 -13.77 -17.31
C LYS B 48 8.37 -12.54 -16.64
N VAL B 49 7.42 -12.75 -15.74
CA VAL B 49 6.81 -11.60 -15.08
C VAL B 49 7.05 -11.63 -13.60
N GLU B 50 7.61 -10.54 -13.10
CA GLU B 50 7.87 -10.42 -11.69
C GLU B 50 6.83 -9.56 -11.02
N HIS B 51 6.85 -9.54 -9.70
CA HIS B 51 5.89 -8.74 -8.95
C HIS B 51 6.48 -8.41 -7.60
N SER B 52 5.96 -7.37 -6.96
CA SER B 52 6.42 -6.97 -5.64
C SER B 52 5.87 -7.99 -4.66
N ASP B 53 6.35 -7.94 -3.42
CA ASP B 53 5.88 -8.87 -2.38
C ASP B 53 4.64 -8.32 -1.70
N LEU B 54 3.72 -9.21 -1.34
CA LEU B 54 2.46 -8.84 -0.68
C LEU B 54 2.54 -7.70 0.35
N SER B 55 1.57 -6.81 0.31
CA SER B 55 1.54 -5.70 1.24
C SER B 55 0.09 -5.27 1.38
N PHE B 56 -0.16 -4.35 2.28
CA PHE B 56 -1.52 -3.86 2.43
C PHE B 56 -1.50 -2.42 2.88
N SER B 57 -2.66 -1.79 2.79
CA SER B 57 -2.82 -0.38 3.12
C SER B 57 -3.57 -0.17 4.43
N LYS B 58 -3.84 1.09 4.74
CA LYS B 58 -4.54 1.50 5.94
C LYS B 58 -5.88 0.80 6.14
N ASP B 59 -6.62 0.63 5.04
CA ASP B 59 -7.93 -0.03 5.12
C ASP B 59 -7.81 -1.55 5.15
N TRP B 60 -6.57 -2.03 5.30
CA TRP B 60 -6.25 -3.46 5.37
C TRP B 60 -6.28 -4.20 4.03
N SER B 61 -6.72 -3.53 2.96
CA SER B 61 -6.77 -4.19 1.68
C SER B 61 -5.36 -4.38 1.12
N PHE B 62 -5.14 -5.50 0.45
CA PHE B 62 -3.85 -5.86 -0.13
C PHE B 62 -3.57 -5.22 -1.50
N TYR B 63 -2.29 -5.08 -1.82
CA TYR B 63 -1.87 -4.53 -3.10
C TYR B 63 -0.54 -5.11 -3.53
N LEU B 64 -0.43 -5.37 -4.83
CA LEU B 64 0.76 -5.92 -5.45
C LEU B 64 1.00 -5.14 -6.72
N LEU B 65 2.22 -5.21 -7.23
CA LEU B 65 2.54 -4.56 -8.49
C LEU B 65 3.22 -5.61 -9.34
N TYR B 66 2.61 -5.95 -10.47
CA TYR B 66 3.19 -6.91 -11.39
C TYR B 66 3.85 -6.13 -12.51
N TYR B 67 5.03 -6.56 -12.95
CA TYR B 67 5.71 -5.82 -14.00
C TYR B 67 6.63 -6.65 -14.86
N THR B 68 6.89 -6.15 -16.07
CA THR B 68 7.76 -6.83 -17.01
C THR B 68 8.43 -5.78 -17.86
N GLU B 69 9.61 -6.11 -18.34
CA GLU B 69 10.36 -5.23 -19.19
C GLU B 69 9.79 -5.46 -20.60
N PHE B 70 9.60 -4.40 -21.38
CA PHE B 70 9.07 -4.59 -22.72
C PHE B 70 9.31 -3.40 -23.65
N THR B 71 9.22 -3.65 -24.95
CA THR B 71 9.40 -2.61 -25.94
C THR B 71 8.09 -2.44 -26.69
N PRO B 72 7.38 -1.34 -26.42
CA PRO B 72 6.10 -1.05 -27.05
C PRO B 72 6.22 -0.96 -28.57
N THR B 73 5.21 -1.49 -29.27
CA THR B 73 5.17 -1.42 -30.71
C THR B 73 3.79 -0.88 -31.03
N GLU B 74 3.55 -0.50 -32.28
CA GLU B 74 2.24 0.04 -32.59
C GLU B 74 1.14 -0.99 -32.54
N LYS B 75 1.39 -2.19 -33.05
CA LYS B 75 0.35 -3.20 -33.07
C LYS B 75 0.28 -4.18 -31.91
N ASP B 76 1.32 -4.26 -31.08
CA ASP B 76 1.27 -5.20 -29.96
C ASP B 76 0.30 -4.68 -28.91
N GLU B 77 -0.68 -5.52 -28.54
CA GLU B 77 -1.68 -5.16 -27.55
C GLU B 77 -1.38 -5.82 -26.20
N TYR B 78 -1.27 -5.02 -25.15
CA TYR B 78 -1.00 -5.58 -23.84
C TYR B 78 -2.19 -5.55 -22.92
N ALA B 79 -2.18 -6.45 -21.92
CA ALA B 79 -3.27 -6.50 -20.97
C ALA B 79 -2.87 -7.19 -19.68
N CYS B 80 -3.72 -7.06 -18.66
CA CYS B 80 -3.49 -7.68 -17.36
C CYS B 80 -4.74 -8.53 -17.10
N ARG B 81 -4.55 -9.71 -16.54
CA ARG B 81 -5.68 -10.59 -16.27
C ARG B 81 -5.69 -10.95 -14.80
N VAL B 82 -6.79 -10.63 -14.12
CA VAL B 82 -6.91 -10.87 -12.69
C VAL B 82 -8.03 -11.82 -12.28
N ASN B 83 -7.70 -12.74 -11.39
CA ASN B 83 -8.68 -13.68 -10.87
C ASN B 83 -8.60 -13.56 -9.37
N HIS B 84 -9.76 -13.64 -8.73
CA HIS B 84 -9.85 -13.50 -7.30
C HIS B 84 -11.21 -14.03 -6.89
N VAL B 85 -11.32 -14.48 -5.65
CA VAL B 85 -12.59 -15.02 -5.20
C VAL B 85 -13.78 -14.08 -5.48
N THR B 86 -13.58 -12.78 -5.36
CA THR B 86 -14.66 -11.82 -5.59
C THR B 86 -15.09 -11.72 -7.07
N LEU B 87 -14.34 -12.35 -7.97
CA LEU B 87 -14.67 -12.31 -9.39
C LEU B 87 -15.30 -13.61 -9.86
N SER B 88 -16.46 -13.51 -10.53
CA SER B 88 -17.14 -14.69 -11.03
C SER B 88 -16.33 -15.25 -12.19
N GLN B 89 -15.45 -14.42 -12.74
CA GLN B 89 -14.56 -14.84 -13.82
C GLN B 89 -13.41 -13.86 -14.00
N PRO B 90 -12.31 -14.34 -14.59
CA PRO B 90 -11.11 -13.53 -14.83
C PRO B 90 -11.45 -12.17 -15.42
N LYS B 91 -10.94 -11.13 -14.78
CA LYS B 91 -11.16 -9.74 -15.18
C LYS B 91 -9.96 -9.28 -16.00
N ILE B 92 -10.19 -8.98 -17.27
CA ILE B 92 -9.11 -8.53 -18.12
C ILE B 92 -9.16 -7.04 -18.36
N VAL B 93 -8.02 -6.37 -18.22
CA VAL B 93 -7.98 -4.93 -18.47
C VAL B 93 -6.91 -4.65 -19.52
N LYS B 94 -7.32 -4.03 -20.61
CA LYS B 94 -6.40 -3.72 -21.69
C LYS B 94 -5.54 -2.51 -21.39
N TRP B 95 -4.29 -2.57 -21.83
CA TRP B 95 -3.37 -1.46 -21.66
C TRP B 95 -3.81 -0.40 -22.66
N ASP B 96 -3.88 0.85 -22.22
CA ASP B 96 -4.25 1.97 -23.09
C ASP B 96 -3.20 3.04 -22.93
N ARG B 97 -2.17 2.97 -23.75
CA ARG B 97 -1.06 3.91 -23.69
C ARG B 97 -1.43 5.38 -23.77
N ASP B 98 -2.42 5.70 -24.60
CA ASP B 98 -2.82 7.09 -24.76
C ASP B 98 -3.87 7.57 -23.78
N MET B 99 -4.02 6.85 -22.68
CA MET B 99 -4.97 7.25 -21.66
C MET B 99 -4.46 8.56 -21.07
N PHE C 1 13.06 -1.75 13.65
CA PHE C 1 12.87 -2.36 15.00
C PHE C 1 11.39 -2.68 15.18
N ALA C 2 11.06 -3.97 15.10
CA ALA C 2 9.68 -4.41 15.23
C ALA C 2 9.21 -4.53 16.67
N PRO C 3 7.88 -4.55 16.87
CA PRO C 3 7.28 -4.66 18.19
C PRO C 3 7.08 -6.14 18.44
N SER C 4 6.80 -6.52 19.69
CA SER C 4 6.53 -7.92 20.01
C SER C 4 5.22 -7.88 20.82
N ASN C 5 4.27 -8.71 20.45
CA ASN C 5 2.97 -8.72 21.11
C ASN C 5 2.93 -9.48 22.43
N TYR C 6 2.13 -8.98 23.37
CA TYR C 6 2.03 -9.60 24.69
C TYR C 6 0.89 -10.60 24.89
N PRO C 7 -0.29 -10.13 25.33
CA PRO C 7 -1.35 -11.14 25.50
C PRO C 7 -2.10 -11.41 24.21
N ALA C 8 -2.29 -12.69 23.90
CA ALA C 8 -2.99 -13.06 22.68
C ALA C 8 -4.38 -12.47 22.67
N LEU C 9 -4.96 -12.33 21.49
CA LEU C 9 -6.30 -11.79 21.37
C LEU C 9 -7.21 -12.61 22.29
#